data_4JSB
#
_entry.id   4JSB
#
_cell.length_a   108.005
_cell.length_b   108.005
_cell.length_c   108.005
_cell.angle_alpha   90.00
_cell.angle_beta   90.00
_cell.angle_gamma   90.00
#
_symmetry.space_group_name_H-M   'P 21 3'
#
loop_
_entity.id
_entity.type
_entity.pdbx_description
1 polymer 'Enoyl-CoA hydratase'
2 non-polymer 'SULFATE ION'
3 water water
#
_entity_poly.entity_id   1
_entity_poly.type   'polypeptide(L)'
_entity_poly.pdbx_seq_one_letter_code
;(MSE)HHHHHHSSGVDLGTENLYFQSAQTKAPTAEELAAAGLTLTIDGEVARITLSRPHRRNA(MSE)TGR(MSE)WTEL
ARIGHTLPQAVRIVVITGEGPTFSSGIDLD(MSE)FQAGKVDGEPTPFTLLARDPNSTAALDQVIASYQEGFLWLRRADI
VSIAAVRGHAIGAGFQLALSCDIRILSDTAQLC(MSE)KEPALGLVPDLTGTQPLVELVGVNRAIELCLTARTIDAAEAA
QLRLAERVVADAELDAAVDALVAQLLAVPAAAARATKELLLQAGRNDLATQARVERTAQLARLAELAKASAAPRRP
;
_entity_poly.pdbx_strand_id   A
#
# COMPACT_ATOMS: atom_id res chain seq x y z
N GLN A 24 -11.52 -11.98 9.84
CA GLN A 24 -13.01 -11.88 10.09
C GLN A 24 -13.32 -11.74 11.58
N THR A 25 -14.42 -11.06 11.88
CA THR A 25 -14.81 -10.77 13.26
C THR A 25 -13.70 -9.91 13.91
N LYS A 26 -12.96 -10.48 14.89
CA LYS A 26 -12.00 -9.73 15.66
C LYS A 26 -10.68 -9.40 14.90
N ALA A 27 -10.20 -8.22 15.12
CA ALA A 27 -8.95 -7.82 14.68
C ALA A 27 -7.81 -8.73 15.22
N PRO A 28 -6.75 -8.87 14.47
CA PRO A 28 -5.61 -9.58 15.01
C PRO A 28 -5.11 -8.85 16.27
N THR A 29 -4.60 -9.60 17.23
CA THR A 29 -4.11 -8.96 18.44
C THR A 29 -2.70 -8.44 18.21
N ALA A 30 -2.23 -7.55 19.10
CA ALA A 30 -0.84 -7.07 18.99
C ALA A 30 0.12 -8.22 19.11
N GLU A 31 -0.18 -9.21 19.95
CA GLU A 31 0.71 -10.39 20.04
C GLU A 31 0.75 -11.19 18.74
N GLU A 32 -0.40 -11.41 18.13
CA GLU A 32 -0.48 -12.13 16.85
C GLU A 32 0.32 -11.35 15.78
N LEU A 33 0.11 -10.05 15.74
CA LEU A 33 0.80 -9.22 14.75
C LEU A 33 2.31 -9.24 14.97
N ALA A 34 2.76 -9.17 16.21
CA ALA A 34 4.20 -9.17 16.49
C ALA A 34 4.85 -10.47 16.00
N ALA A 35 4.17 -11.56 16.12
CA ALA A 35 4.69 -12.83 15.63
C ALA A 35 4.75 -12.91 14.10
N ALA A 36 3.99 -12.07 13.43
CA ALA A 36 4.02 -11.95 11.97
C ALA A 36 4.88 -10.74 11.47
N GLY A 37 5.55 -10.05 12.38
CA GLY A 37 6.39 -8.96 11.98
C GLY A 37 5.71 -7.62 11.77
N LEU A 38 4.61 -7.37 12.45
CA LEU A 38 3.82 -6.13 12.32
C LEU A 38 3.46 -5.53 13.64
N THR A 39 3.28 -4.22 13.65
CA THR A 39 2.69 -3.49 14.73
C THR A 39 1.57 -2.66 14.10
N LEU A 40 0.50 -2.47 14.85
CA LEU A 40 -0.65 -1.67 14.41
C LEU A 40 -1.04 -0.77 15.57
N THR A 41 -1.05 0.50 15.36
CA THR A 41 -1.62 1.41 16.33
C THR A 41 -2.69 2.27 15.71
N ILE A 42 -3.78 2.46 16.46
CA ILE A 42 -4.87 3.27 16.01
C ILE A 42 -5.08 4.43 16.93
N ASP A 43 -5.09 5.61 16.38
CA ASP A 43 -5.42 6.81 17.11
C ASP A 43 -6.50 7.54 16.36
N GLY A 44 -7.75 7.39 16.83
CA GLY A 44 -8.87 8.10 16.25
C GLY A 44 -9.06 7.63 14.82
N GLU A 45 -8.88 8.53 13.88
CA GLU A 45 -9.13 8.23 12.43
C GLU A 45 -7.92 7.76 11.66
N VAL A 46 -6.81 7.61 12.34
CA VAL A 46 -5.55 7.27 11.72
C VAL A 46 -4.97 5.96 12.24
N ALA A 47 -4.71 5.05 11.34
CA ALA A 47 -4.05 3.80 11.69
C ALA A 47 -2.61 3.74 11.18
N ARG A 48 -1.69 3.26 12.01
CA ARG A 48 -0.30 3.19 11.60
C ARG A 48 0.12 1.74 11.67
N ILE A 49 0.54 1.22 10.54
CA ILE A 49 1.02 -0.14 10.43
C ILE A 49 2.54 -0.07 10.19
N THR A 50 3.31 -0.71 11.05
CA THR A 50 4.78 -0.70 10.96
C THR A 50 5.30 -2.14 10.73
N LEU A 51 6.13 -2.29 9.73
CA LEU A 51 6.87 -3.52 9.54
C LEU A 51 7.96 -3.49 10.60
N SER A 52 8.01 -4.55 11.40
CA SER A 52 8.71 -4.54 12.64
C SER A 52 9.73 -5.67 12.77
N ARG A 53 10.51 -5.97 11.72
CA ARG A 53 11.62 -6.96 11.80
C ARG A 53 12.91 -6.30 11.26
N PRO A 54 13.40 -5.28 11.94
CA PRO A 54 14.54 -4.55 11.41
C PRO A 54 15.82 -5.41 11.28
N HIS A 55 16.01 -6.40 12.12
CA HIS A 55 17.20 -7.22 11.99
C HIS A 55 17.17 -8.08 10.71
N ARG A 56 15.96 -8.33 10.20
CA ARG A 56 15.79 -8.99 8.92
C ARG A 56 15.42 -8.01 7.80
N ARG A 57 15.69 -6.72 8.03
CA ARG A 57 15.42 -5.68 7.01
CA ARG A 57 15.39 -5.68 7.06
C ARG A 57 13.96 -5.77 6.56
N ASN A 58 13.06 -6.09 7.47
CA ASN A 58 11.62 -6.21 7.24
C ASN A 58 11.25 -7.10 6.02
N ALA A 59 12.01 -8.17 5.85
CA ALA A 59 11.72 -9.16 4.83
C ALA A 59 10.31 -9.71 5.07
N THR A 61 6.87 -12.24 4.69
CA THR A 61 6.46 -13.62 4.66
C THR A 61 4.96 -13.73 4.36
N GLY A 62 4.55 -14.95 4.05
CA GLY A 62 3.14 -15.25 3.80
C GLY A 62 2.25 -14.87 4.96
N ARG A 63 2.72 -15.18 6.16
CA ARG A 63 1.99 -14.84 7.36
CA ARG A 63 1.98 -14.84 7.35
C ARG A 63 1.83 -13.33 7.52
N TRP A 65 1.66 -11.20 5.01
CA TRP A 65 0.67 -10.77 4.06
C TRP A 65 -0.79 -11.10 4.44
N THR A 66 -1.01 -12.29 4.95
CA THR A 66 -2.34 -12.67 5.35
C THR A 66 -2.78 -11.91 6.62
N GLU A 67 -1.85 -11.55 7.53
CA GLU A 67 -2.22 -10.63 8.64
C GLU A 67 -2.51 -9.24 8.18
N LEU A 68 -1.76 -8.72 7.21
CA LEU A 68 -2.11 -7.46 6.60
C LEU A 68 -3.56 -7.48 6.06
N ALA A 69 -3.94 -8.57 5.42
CA ALA A 69 -5.30 -8.70 4.91
C ALA A 69 -6.30 -8.68 6.08
N ARG A 70 -5.97 -9.36 7.16
CA ARG A 70 -6.85 -9.42 8.34
C ARG A 70 -7.00 -8.03 8.97
N ILE A 71 -5.93 -7.25 9.02
CA ILE A 71 -5.98 -5.90 9.54
C ILE A 71 -6.99 -5.11 8.71
N GLY A 72 -6.83 -5.14 7.39
CA GLY A 72 -7.72 -4.42 6.52
C GLY A 72 -9.19 -4.77 6.64
N HIS A 73 -9.52 -6.05 6.80
CA HIS A 73 -10.89 -6.51 6.88
CA HIS A 73 -10.87 -6.56 6.90
C HIS A 73 -11.54 -6.16 8.23
N THR A 74 -10.75 -5.87 9.27
CA THR A 74 -11.32 -5.63 10.59
C THR A 74 -11.03 -4.21 11.10
N LEU A 75 -10.49 -3.28 10.31
CA LEU A 75 -10.20 -1.94 10.89
C LEU A 75 -11.50 -1.30 11.35
N PRO A 76 -11.47 -0.56 12.41
CA PRO A 76 -12.67 0.13 12.80
C PRO A 76 -13.16 1.10 11.71
N GLN A 77 -14.45 1.33 11.69
CA GLN A 77 -15.11 2.19 10.72
C GLN A 77 -14.57 3.63 10.73
N ALA A 78 -14.18 4.12 11.89
CA ALA A 78 -13.69 5.49 12.00
C ALA A 78 -12.34 5.71 11.34
N VAL A 79 -11.57 4.64 11.09
CA VAL A 79 -10.27 4.85 10.46
C VAL A 79 -10.41 5.21 8.99
N ARG A 80 -9.82 6.34 8.59
CA ARG A 80 -9.90 6.77 7.20
C ARG A 80 -8.56 7.05 6.57
N ILE A 81 -7.48 6.94 7.36
CA ILE A 81 -6.14 7.09 6.90
C ILE A 81 -5.28 5.93 7.43
N VAL A 82 -4.44 5.36 6.58
CA VAL A 82 -3.59 4.29 6.95
C VAL A 82 -2.15 4.63 6.54
N VAL A 83 -1.21 4.65 7.50
CA VAL A 83 0.18 4.97 7.19
C VAL A 83 0.98 3.67 7.34
N ILE A 84 1.72 3.28 6.33
CA ILE A 84 2.60 2.10 6.34
C ILE A 84 4.05 2.56 6.33
N THR A 85 4.82 2.15 7.34
CA THR A 85 6.30 2.43 7.29
CA THR A 85 6.23 2.51 7.54
C THR A 85 7.02 1.22 7.88
N GLY A 86 8.35 1.27 7.81
CA GLY A 86 9.22 0.23 8.35
C GLY A 86 9.93 0.72 9.61
N GLU A 87 10.21 -0.21 10.52
CA GLU A 87 11.10 0.06 11.62
C GLU A 87 12.50 -0.03 11.12
N GLY A 88 13.30 0.99 11.41
CA GLY A 88 14.74 1.04 11.05
C GLY A 88 14.98 1.68 9.69
N PRO A 89 16.19 1.55 9.14
CA PRO A 89 16.54 2.34 7.98
C PRO A 89 16.08 1.76 6.60
N THR A 90 15.47 0.57 6.61
CA THR A 90 15.03 -0.19 5.43
C THR A 90 13.54 -0.41 5.50
N PHE A 91 12.82 0.03 4.50
CA PHE A 91 11.35 -0.21 4.40
C PHE A 91 11.10 -1.72 4.29
N SER A 92 11.58 -2.33 3.25
CA SER A 92 11.54 -3.80 3.15
C SER A 92 12.41 -4.37 2.10
N SER A 93 13.20 -5.37 2.46
CA SER A 93 14.05 -6.07 1.49
C SER A 93 13.25 -7.00 0.59
N GLY A 94 11.96 -7.06 0.76
CA GLY A 94 11.13 -7.95 -0.07
C GLY A 94 10.90 -9.30 0.58
N ILE A 95 10.63 -10.29 -0.24
CA ILE A 95 10.29 -11.59 0.30
C ILE A 95 11.46 -12.27 1.03
N ASP A 96 11.15 -12.83 2.20
CA ASP A 96 12.09 -13.60 2.97
C ASP A 96 12.54 -14.82 2.13
N LEU A 97 13.83 -14.98 1.90
CA LEU A 97 14.31 -16.11 1.02
C LEU A 97 13.88 -17.51 1.49
N ASP A 98 13.56 -17.62 2.77
CA ASP A 98 13.06 -18.90 3.30
C ASP A 98 11.72 -19.32 2.70
N PHE A 100 11.21 -19.49 -0.32
CA PHE A 100 11.54 -20.43 -1.39
C PHE A 100 12.18 -21.75 -0.92
N GLN A 101 12.13 -22.07 0.38
CA GLN A 101 12.60 -23.37 0.91
C GLN A 101 11.41 -24.25 1.23
N ALA A 102 11.69 -25.54 1.45
CA ALA A 102 10.64 -26.57 1.60
C ALA A 102 9.70 -26.41 2.82
N GLY A 103 10.21 -26.01 3.98
CA GLY A 103 9.45 -26.08 5.24
C GLY A 103 8.33 -25.07 5.50
N LYS A 104 8.17 -24.69 6.77
CA LYS A 104 7.17 -23.72 7.19
C LYS A 104 7.91 -22.43 7.49
N VAL A 105 7.28 -21.30 7.15
CA VAL A 105 7.79 -19.98 7.51
C VAL A 105 6.69 -19.32 8.33
N ASP A 106 7.06 -18.79 9.50
CA ASP A 106 6.13 -18.16 10.43
C ASP A 106 4.91 -19.08 10.74
N GLY A 107 5.13 -20.39 10.66
CA GLY A 107 4.09 -21.38 10.98
C GLY A 107 3.19 -21.85 9.83
N GLU A 108 3.32 -21.26 8.65
CA GLU A 108 2.53 -21.64 7.47
C GLU A 108 3.44 -22.21 6.36
N PRO A 109 2.92 -23.20 5.59
CA PRO A 109 3.72 -23.79 4.48
C PRO A 109 4.05 -22.83 3.32
N THR A 110 5.25 -22.99 2.77
CA THR A 110 5.72 -22.20 1.63
C THR A 110 5.06 -22.64 0.32
N PRO A 111 4.90 -21.71 -0.63
CA PRO A 111 4.64 -22.05 -2.03
C PRO A 111 5.48 -23.22 -2.56
N PHE A 112 6.79 -23.21 -2.32
CA PHE A 112 7.65 -24.31 -2.79
C PHE A 112 7.09 -25.67 -2.33
N THR A 113 6.55 -25.75 -1.11
CA THR A 113 5.88 -27.01 -0.64
C THR A 113 4.87 -27.46 -1.71
N LEU A 114 3.93 -26.56 -2.03
CA LEU A 114 2.84 -26.89 -2.94
C LEU A 114 3.33 -27.08 -4.41
N THR A 122 -2.42 -27.34 -8.65
CA THR A 122 -2.10 -25.93 -8.59
C THR A 122 -3.25 -25.00 -8.16
N ALA A 123 -4.44 -25.54 -7.98
CA ALA A 123 -5.58 -24.72 -7.55
C ALA A 123 -5.34 -24.24 -6.13
N ALA A 124 -4.73 -25.10 -5.33
CA ALA A 124 -4.39 -24.74 -3.99
C ALA A 124 -3.35 -23.64 -3.93
N LEU A 125 -2.35 -23.67 -4.83
CA LEU A 125 -1.34 -22.60 -4.86
C LEU A 125 -2.00 -21.31 -5.31
N ASP A 126 -2.85 -21.40 -6.31
CA ASP A 126 -3.64 -20.25 -6.78
C ASP A 126 -4.37 -19.55 -5.60
N GLN A 127 -5.00 -20.34 -4.73
CA GLN A 127 -5.76 -19.81 -3.59
C GLN A 127 -4.84 -19.18 -2.58
N VAL A 128 -3.65 -19.74 -2.39
CA VAL A 128 -2.74 -19.17 -1.41
C VAL A 128 -2.26 -17.84 -1.95
N ILE A 129 -1.81 -17.80 -3.19
CA ILE A 129 -1.39 -16.54 -3.74
C ILE A 129 -2.51 -15.49 -3.65
N ALA A 130 -3.74 -15.88 -3.96
CA ALA A 130 -4.86 -14.94 -3.91
C ALA A 130 -5.01 -14.40 -2.47
N SER A 131 -4.79 -15.26 -1.48
CA SER A 131 -4.81 -14.82 -0.07
C SER A 131 -3.75 -13.81 0.28
N TYR A 132 -2.57 -13.96 -0.28
CA TYR A 132 -1.53 -12.98 -0.12
C TYR A 132 -1.84 -11.62 -0.79
N GLN A 133 -2.38 -11.68 -2.01
CA GLN A 133 -2.77 -10.47 -2.70
C GLN A 133 -3.77 -9.62 -1.92
N GLU A 134 -4.61 -10.27 -1.13
CA GLU A 134 -5.61 -9.57 -0.32
C GLU A 134 -4.96 -8.69 0.72
N GLY A 135 -3.72 -8.93 1.13
CA GLY A 135 -2.99 -8.02 1.96
C GLY A 135 -2.66 -6.65 1.37
N PHE A 136 -2.70 -6.54 0.03
CA PHE A 136 -2.37 -5.34 -0.73
C PHE A 136 -3.63 -4.67 -1.35
N LEU A 137 -4.60 -5.48 -1.75
CA LEU A 137 -5.76 -5.01 -2.47
C LEU A 137 -6.55 -3.99 -1.66
N TRP A 138 -6.68 -4.21 -0.34
CA TRP A 138 -7.53 -3.36 0.47
C TRP A 138 -7.03 -1.94 0.64
N LEU A 139 -5.76 -1.72 0.34
CA LEU A 139 -5.17 -0.38 0.37
C LEU A 139 -5.77 0.58 -0.65
N ARG A 140 -6.48 0.05 -1.66
CA ARG A 140 -7.24 0.88 -2.58
C ARG A 140 -8.66 1.21 -2.20
N ARG A 141 -9.14 0.78 -1.04
CA ARG A 141 -10.51 0.98 -0.66
C ARG A 141 -10.81 2.51 -0.66
N ALA A 142 -12.00 2.85 -1.10
CA ALA A 142 -12.37 4.29 -1.25
C ALA A 142 -12.46 5.00 0.06
N ASP A 143 -12.75 4.29 1.14
CA ASP A 143 -12.93 4.92 2.45
C ASP A 143 -11.65 5.06 3.27
N ILE A 144 -10.52 4.75 2.70
CA ILE A 144 -9.27 5.06 3.32
C ILE A 144 -8.31 5.77 2.32
N VAL A 145 -7.42 6.59 2.85
CA VAL A 145 -6.25 7.04 2.09
C VAL A 145 -5.08 6.34 2.69
N SER A 146 -4.34 5.62 1.85
CA SER A 146 -3.19 4.89 2.32
C SER A 146 -1.89 5.61 1.90
N ILE A 147 -0.92 5.68 2.81
CA ILE A 147 0.31 6.39 2.63
C ILE A 147 1.44 5.42 2.97
N ALA A 148 2.42 5.26 2.06
CA ALA A 148 3.64 4.57 2.36
C ALA A 148 4.76 5.58 2.65
N ALA A 149 5.39 5.50 3.80
CA ALA A 149 6.48 6.37 4.19
C ALA A 149 7.77 5.53 4.11
N VAL A 150 8.55 5.75 3.04
CA VAL A 150 9.59 4.83 2.65
C VAL A 150 10.99 5.41 2.92
N ARG A 151 11.80 4.70 3.70
CA ARG A 151 13.23 4.98 3.76
CA ARG A 151 13.24 4.90 3.92
C ARG A 151 14.00 3.74 3.38
N GLY A 152 15.22 3.99 2.85
CA GLY A 152 16.11 2.94 2.40
C GLY A 152 15.45 2.10 1.30
N HIS A 153 15.80 0.82 1.27
CA HIS A 153 15.40 -0.04 0.16
C HIS A 153 13.91 -0.49 0.32
N ALA A 154 13.17 -0.41 -0.81
CA ALA A 154 11.90 -1.10 -0.97
C ALA A 154 12.02 -1.97 -2.19
N ILE A 155 12.22 -3.25 -1.98
CA ILE A 155 12.59 -4.18 -3.03
C ILE A 155 11.46 -5.20 -3.26
N GLY A 156 11.06 -5.42 -4.52
CA GLY A 156 10.24 -6.55 -4.87
C GLY A 156 8.91 -6.39 -4.16
N ALA A 157 8.54 -7.36 -3.32
CA ALA A 157 7.27 -7.25 -2.56
C ALA A 157 7.17 -5.95 -1.78
N GLY A 158 8.31 -5.46 -1.25
CA GLY A 158 8.37 -4.17 -0.60
C GLY A 158 8.00 -3.01 -1.49
N PHE A 159 8.52 -2.98 -2.73
CA PHE A 159 8.14 -1.95 -3.70
C PHE A 159 6.66 -2.07 -4.04
N GLN A 160 6.15 -3.30 -4.19
CA GLN A 160 4.73 -3.49 -4.51
C GLN A 160 3.82 -3.05 -3.37
N LEU A 161 4.24 -3.22 -2.12
CA LEU A 161 3.51 -2.62 -0.99
C LEU A 161 3.42 -1.12 -1.07
N ALA A 162 4.53 -0.45 -1.37
CA ALA A 162 4.54 1.00 -1.51
C ALA A 162 3.65 1.48 -2.70
N LEU A 163 3.68 0.75 -3.81
CA LEU A 163 2.90 0.96 -4.98
C LEU A 163 1.42 0.80 -4.77
N SER A 164 1.04 -0.07 -3.84
CA SER A 164 -0.37 -0.37 -3.57
C SER A 164 -1.03 0.76 -2.77
N CYS A 165 -0.23 1.60 -2.12
CA CYS A 165 -0.73 2.72 -1.36
C CYS A 165 -1.15 3.86 -2.30
N ASP A 166 -2.08 4.70 -1.88
CA ASP A 166 -2.45 5.84 -2.67
C ASP A 166 -1.28 6.81 -2.90
N ILE A 167 -0.52 7.07 -1.84
CA ILE A 167 0.50 8.14 -1.78
C ILE A 167 1.79 7.55 -1.25
N ARG A 168 2.94 7.89 -1.87
CA ARG A 168 4.27 7.57 -1.33
C ARG A 168 5.06 8.84 -0.96
N ILE A 169 5.53 8.91 0.27
CA ILE A 169 6.43 9.93 0.68
CA ILE A 169 6.44 9.92 0.66
C ILE A 169 7.77 9.22 0.94
N LEU A 170 8.81 9.64 0.24
CA LEU A 170 10.12 9.03 0.33
C LEU A 170 11.08 9.88 1.15
N SER A 171 11.90 9.21 1.95
CA SER A 171 13.12 9.82 2.41
C SER A 171 14.11 9.96 1.23
N ASP A 172 15.07 10.88 1.35
CA ASP A 172 16.12 11.01 0.39
C ASP A 172 17.03 9.78 0.41
N THR A 173 16.84 8.89 1.39
CA THR A 173 17.58 7.64 1.38
C THR A 173 16.97 6.53 0.57
N ALA A 174 15.74 6.70 0.12
CA ALA A 174 15.01 5.60 -0.44
C ALA A 174 15.58 5.09 -1.75
N GLN A 175 15.44 3.79 -1.98
CA GLN A 175 15.89 3.13 -3.18
CA GLN A 175 15.86 3.19 -3.23
C GLN A 175 14.82 2.07 -3.55
N LEU A 176 14.33 2.08 -4.77
CA LEU A 176 13.24 1.20 -5.17
C LEU A 176 13.71 0.25 -6.23
N CYS A 177 13.22 -0.99 -6.20
CA CYS A 177 13.66 -1.98 -7.21
C CYS A 177 12.56 -3.03 -7.39
N LYS A 179 12.50 -6.33 -8.32
CA LYS A 179 13.52 -7.33 -8.44
C LYS A 179 13.03 -8.65 -8.98
N GLU A 180 11.73 -8.88 -8.93
CA GLU A 180 11.19 -10.26 -9.24
C GLU A 180 11.71 -10.90 -10.53
N PRO A 181 11.76 -10.17 -11.67
CA PRO A 181 12.19 -10.84 -12.89
C PRO A 181 13.58 -11.36 -12.82
N ALA A 182 14.44 -10.66 -12.08
CA ALA A 182 15.82 -11.09 -11.89
C ALA A 182 15.87 -12.43 -11.19
N LEU A 183 14.89 -12.73 -10.36
CA LEU A 183 14.81 -14.04 -9.65
C LEU A 183 14.07 -15.08 -10.47
N GLY A 184 13.62 -14.75 -11.69
CA GLY A 184 12.86 -15.70 -12.51
C GLY A 184 11.36 -15.66 -12.24
N LEU A 185 10.86 -14.62 -11.57
CA LEU A 185 9.47 -14.51 -11.20
C LEU A 185 8.84 -13.29 -11.83
N VAL A 186 7.51 -13.19 -11.77
CA VAL A 186 6.85 -11.95 -12.16
C VAL A 186 6.41 -11.18 -10.91
N PRO A 187 6.12 -9.89 -11.03
CA PRO A 187 5.47 -9.22 -9.89
C PRO A 187 4.00 -9.64 -9.73
N ASP A 188 3.67 -10.32 -8.64
CA ASP A 188 2.30 -10.85 -8.46
C ASP A 188 1.60 -10.41 -7.17
N LEU A 189 2.06 -9.34 -6.58
CA LEU A 189 1.44 -8.80 -5.38
C LEU A 189 0.70 -7.46 -5.69
N THR A 190 0.19 -7.37 -6.92
CA THR A 190 -0.70 -6.32 -7.36
C THR A 190 0.01 -5.04 -7.78
N GLY A 191 1.32 -5.12 -7.85
CA GLY A 191 2.18 -3.98 -8.25
C GLY A 191 2.13 -3.53 -9.68
N THR A 192 1.78 -4.40 -10.62
CA THR A 192 1.89 -4.02 -12.04
C THR A 192 1.01 -2.85 -12.47
N GLN A 193 -0.25 -2.87 -12.07
CA GLN A 193 -1.13 -1.80 -12.47
C GLN A 193 -0.71 -0.41 -11.93
N PRO A 194 -0.45 -0.23 -10.61
CA PRO A 194 -0.04 1.10 -10.16
C PRO A 194 1.27 1.49 -10.78
N LEU A 195 2.18 0.55 -11.00
CA LEU A 195 3.44 0.93 -11.65
C LEU A 195 3.19 1.53 -13.04
N VAL A 196 2.39 0.85 -13.86
CA VAL A 196 2.09 1.35 -15.18
C VAL A 196 1.34 2.69 -15.13
N GLU A 197 0.43 2.86 -14.17
CA GLU A 197 -0.30 4.12 -14.01
C GLU A 197 0.65 5.28 -13.65
N LEU A 198 1.63 5.01 -12.80
CA LEU A 198 2.57 6.02 -12.39
C LEU A 198 3.55 6.42 -13.46
N VAL A 199 4.24 5.46 -14.07
CA VAL A 199 5.37 5.78 -14.91
C VAL A 199 5.13 5.49 -16.42
N GLY A 200 3.96 4.93 -16.80
CA GLY A 200 3.68 4.59 -18.14
C GLY A 200 4.20 3.20 -18.47
N VAL A 201 3.56 2.52 -19.39
CA VAL A 201 3.99 1.16 -19.74
C VAL A 201 5.42 1.05 -20.20
N ASN A 202 5.91 2.05 -20.96
CA ASN A 202 7.25 1.96 -21.50
C ASN A 202 8.34 1.96 -20.40
N ARG A 203 8.26 2.96 -19.51
CA ARG A 203 9.18 3.00 -18.38
C ARG A 203 8.99 1.79 -17.47
N ALA A 204 7.77 1.34 -17.32
CA ALA A 204 7.55 0.17 -16.52
C ALA A 204 8.30 -1.05 -17.05
N ILE A 205 8.27 -1.24 -18.35
CA ILE A 205 9.04 -2.33 -19.00
C ILE A 205 10.51 -2.17 -18.71
N GLU A 206 11.04 -0.94 -18.91
CA GLU A 206 12.42 -0.72 -18.65
C GLU A 206 12.81 -1.05 -17.21
N LEU A 207 12.02 -0.59 -16.23
CA LEU A 207 12.33 -0.81 -14.84
C LEU A 207 12.25 -2.31 -14.47
N CYS A 208 11.21 -2.97 -14.95
CA CYS A 208 10.99 -4.37 -14.55
C CYS A 208 11.97 -5.32 -15.31
N LEU A 209 12.26 -5.08 -16.58
CA LEU A 209 13.06 -6.00 -17.36
C LEU A 209 14.53 -5.78 -17.19
N THR A 210 14.96 -4.64 -16.61
CA THR A 210 16.33 -4.48 -16.17
C THR A 210 16.48 -4.84 -14.69
N ALA A 211 15.38 -4.87 -13.92
CA ALA A 211 15.37 -5.05 -12.51
C ALA A 211 16.33 -4.14 -11.78
N ARG A 212 16.43 -2.89 -12.23
CA ARG A 212 17.47 -2.03 -11.69
C ARG A 212 16.96 -1.26 -10.47
N THR A 213 17.88 -0.63 -9.73
CA THR A 213 17.51 0.03 -8.45
C THR A 213 17.48 1.55 -8.74
N ILE A 214 16.42 2.24 -8.38
CA ILE A 214 16.41 3.67 -8.57
C ILE A 214 16.43 4.46 -7.26
N ASP A 215 17.11 5.58 -7.29
CA ASP A 215 17.23 6.42 -6.13
C ASP A 215 16.02 7.34 -5.97
N ALA A 216 15.99 8.10 -4.87
CA ALA A 216 14.83 8.93 -4.59
C ALA A 216 14.65 10.06 -5.56
N ALA A 217 15.74 10.67 -6.01
CA ALA A 217 15.65 11.77 -7.03
C ALA A 217 14.99 11.27 -8.35
N GLU A 218 15.43 10.11 -8.81
CA GLU A 218 14.82 9.47 -9.91
C GLU A 218 13.39 9.11 -9.67
N ALA A 219 13.07 8.57 -8.47
CA ALA A 219 11.69 8.28 -8.16
C ALA A 219 10.78 9.52 -8.22
N ALA A 220 11.27 10.65 -7.77
CA ALA A 220 10.53 11.86 -7.82
C ALA A 220 10.32 12.29 -9.28
N GLN A 221 11.36 12.21 -10.08
CA GLN A 221 11.28 12.56 -11.49
C GLN A 221 10.25 11.69 -12.24
N LEU A 222 10.20 10.41 -11.94
CA LEU A 222 9.29 9.49 -12.58
C LEU A 222 7.83 9.51 -11.98
N ARG A 223 7.56 10.36 -10.98
CA ARG A 223 6.24 10.44 -10.32
C ARG A 223 5.98 9.26 -9.42
N LEU A 224 6.99 8.46 -9.07
CA LEU A 224 6.82 7.35 -8.13
C LEU A 224 6.68 7.84 -6.73
N ALA A 225 7.23 9.00 -6.43
CA ALA A 225 7.05 9.57 -5.08
C ALA A 225 6.26 10.82 -5.21
N GLU A 226 5.27 11.03 -4.38
CA GLU A 226 4.59 12.30 -4.37
C GLU A 226 5.40 13.40 -3.71
N ARG A 227 6.31 13.02 -2.81
CA ARG A 227 7.21 14.00 -2.17
C ARG A 227 8.44 13.22 -1.70
N VAL A 228 9.60 13.85 -1.82
CA VAL A 228 10.84 13.41 -1.23
C VAL A 228 11.33 14.44 -0.23
N VAL A 229 11.68 13.99 0.97
CA VAL A 229 12.17 14.88 2.03
C VAL A 229 13.42 14.29 2.68
N ALA A 230 14.19 15.16 3.35
CA ALA A 230 15.36 14.65 4.17
C ALA A 230 14.86 13.57 5.14
N ASP A 231 15.71 12.57 5.37
CA ASP A 231 15.36 11.48 6.25
C ASP A 231 14.82 11.92 7.63
N ALA A 232 15.46 12.91 8.22
CA ALA A 232 15.08 13.42 9.54
C ALA A 232 13.69 14.02 9.52
N GLU A 233 13.19 14.39 8.33
CA GLU A 233 11.95 15.11 8.19
C GLU A 233 10.79 14.22 7.73
N LEU A 234 11.02 12.92 7.56
CA LEU A 234 10.00 12.02 6.98
C LEU A 234 8.81 11.96 7.89
N ASP A 235 9.05 11.77 9.20
CA ASP A 235 7.88 11.72 10.10
C ASP A 235 7.00 13.00 10.09
N ALA A 236 7.65 14.16 10.11
CA ALA A 236 6.93 15.44 10.03
C ALA A 236 6.18 15.61 8.72
N ALA A 237 6.76 15.14 7.61
CA ALA A 237 6.10 15.26 6.30
C ALA A 237 4.86 14.41 6.26
N VAL A 238 4.94 13.20 6.82
CA VAL A 238 3.75 12.36 6.90
C VAL A 238 2.70 12.99 7.79
N ASP A 239 3.10 13.48 8.96
CA ASP A 239 2.14 14.16 9.85
C ASP A 239 1.48 15.39 9.22
N ALA A 240 2.20 16.16 8.39
CA ALA A 240 1.62 17.30 7.70
C ALA A 240 0.57 16.86 6.70
N LEU A 241 0.86 15.78 5.96
CA LEU A 241 -0.08 15.25 4.98
C LEU A 241 -1.33 14.69 5.71
N VAL A 242 -1.15 13.97 6.79
CA VAL A 242 -2.26 13.50 7.58
C VAL A 242 -3.16 14.62 8.02
N ALA A 243 -2.58 15.69 8.52
CA ALA A 243 -3.37 16.85 8.95
C ALA A 243 -4.16 17.47 7.81
N GLN A 244 -3.55 17.57 6.62
CA GLN A 244 -4.24 18.06 5.46
C GLN A 244 -5.44 17.19 5.08
N LEU A 245 -5.25 15.89 5.15
CA LEU A 245 -6.34 14.98 4.82
C LEU A 245 -7.48 15.04 5.82
N LEU A 246 -7.14 15.09 7.11
CA LEU A 246 -8.16 15.14 8.14
C LEU A 246 -8.97 16.41 8.07
N ALA A 247 -8.40 17.47 7.50
CA ALA A 247 -9.15 18.74 7.43
C ALA A 247 -10.26 18.72 6.37
N VAL A 248 -10.26 17.75 5.46
CA VAL A 248 -11.31 17.58 4.47
C VAL A 248 -12.35 16.59 5.02
N PRO A 249 -13.62 16.88 4.91
CA PRO A 249 -14.63 15.99 5.48
C PRO A 249 -14.59 14.57 4.88
N ALA A 250 -14.83 13.62 5.75
CA ALA A 250 -14.69 12.23 5.47
C ALA A 250 -15.56 11.74 4.33
N ALA A 251 -16.85 12.14 4.30
CA ALA A 251 -17.69 11.62 3.25
C ALA A 251 -17.36 12.13 1.88
N ALA A 252 -16.94 13.39 1.77
CA ALA A 252 -16.54 13.96 0.49
C ALA A 252 -15.23 13.38 0.02
N ALA A 253 -14.36 13.09 0.95
CA ALA A 253 -13.10 12.45 0.61
C ALA A 253 -13.31 11.07 0.01
N ARG A 254 -14.16 10.29 0.64
CA ARG A 254 -14.48 8.96 0.19
CA ARG A 254 -14.48 8.96 0.19
C ARG A 254 -15.13 8.94 -1.18
N ALA A 255 -16.17 9.77 -1.34
CA ALA A 255 -16.89 9.87 -2.62
C ALA A 255 -15.92 10.31 -3.72
N THR A 256 -15.01 11.23 -3.43
CA THR A 256 -14.11 11.74 -4.48
C THR A 256 -13.11 10.68 -4.87
N LYS A 257 -12.53 9.93 -3.87
CA LYS A 257 -11.62 8.88 -4.20
C LYS A 257 -12.29 7.82 -5.08
N GLU A 258 -13.49 7.43 -4.70
CA GLU A 258 -14.29 6.53 -5.52
C GLU A 258 -14.49 6.99 -6.98
N LEU A 259 -14.80 8.27 -7.17
CA LEU A 259 -14.86 8.84 -8.52
C LEU A 259 -13.53 8.74 -9.27
N LEU A 260 -12.44 9.12 -8.62
CA LEU A 260 -11.14 9.20 -9.31
C LEU A 260 -10.67 7.80 -9.76
N LEU A 261 -10.97 6.76 -8.97
CA LEU A 261 -10.55 5.42 -9.33
C LEU A 261 -11.26 4.83 -10.55
N GLN A 262 -12.43 5.40 -10.89
CA GLN A 262 -13.22 5.01 -12.03
C GLN A 262 -12.91 5.85 -13.32
N ALA A 263 -12.32 7.02 -13.14
CA ALA A 263 -12.10 7.95 -14.24
C ALA A 263 -11.33 7.41 -15.48
N GLY A 264 -10.27 6.66 -15.28
CA GLY A 264 -9.39 6.19 -16.35
C GLY A 264 -10.04 5.26 -17.31
N ARG A 265 -10.91 4.40 -16.81
CA ARG A 265 -11.51 3.36 -17.62
CA ARG A 265 -11.47 3.40 -17.66
C ARG A 265 -12.88 3.78 -18.24
N ASN A 266 -13.55 4.77 -17.66
CA ASN A 266 -14.80 5.30 -18.18
C ASN A 266 -14.59 6.21 -19.40
N ASP A 267 -15.57 6.24 -20.31
CA ASP A 267 -15.59 7.31 -21.30
C ASP A 267 -16.06 8.60 -20.60
N LEU A 268 -15.89 9.73 -21.27
CA LEU A 268 -16.15 11.02 -20.58
C LEU A 268 -17.64 11.15 -20.21
N ALA A 269 -18.52 10.78 -21.13
CA ALA A 269 -19.98 10.84 -20.88
C ALA A 269 -20.42 10.03 -19.65
N THR A 270 -19.84 8.85 -19.49
CA THR A 270 -20.08 8.00 -18.33
C THR A 270 -19.51 8.58 -17.08
N GLN A 271 -18.29 9.12 -17.13
CA GLN A 271 -17.72 9.72 -15.94
C GLN A 271 -18.54 10.92 -15.50
N ALA A 272 -19.01 11.74 -16.42
CA ALA A 272 -19.84 12.87 -16.05
C ALA A 272 -21.12 12.39 -15.34
N ARG A 273 -21.71 11.30 -15.80
CA ARG A 273 -22.91 10.75 -15.12
C ARG A 273 -22.58 10.27 -13.71
N VAL A 274 -21.46 9.55 -13.55
CA VAL A 274 -21.04 9.08 -12.25
CA VAL A 274 -21.10 9.08 -12.21
C VAL A 274 -20.79 10.23 -11.28
N GLU A 275 -20.15 11.31 -11.77
CA GLU A 275 -19.87 12.48 -10.96
C GLU A 275 -21.19 13.10 -10.45
N ARG A 276 -22.15 13.22 -11.38
CA ARG A 276 -23.42 13.84 -11.11
C ARG A 276 -24.16 12.99 -10.04
N THR A 277 -24.13 11.69 -10.18
CA THR A 277 -24.76 10.80 -9.24
C THR A 277 -24.19 10.93 -7.83
N ALA A 278 -22.88 11.03 -7.75
CA ALA A 278 -22.22 11.25 -6.51
C ALA A 278 -22.58 12.60 -5.93
N GLN A 279 -22.69 13.63 -6.76
CA GLN A 279 -23.03 14.95 -6.22
C GLN A 279 -24.45 14.97 -5.61
N LEU A 280 -25.40 14.25 -6.23
CA LEU A 280 -26.74 14.22 -5.63
C LEU A 280 -26.73 13.68 -4.19
N ALA A 281 -25.90 12.67 -3.96
CA ALA A 281 -25.80 12.06 -2.65
C ALA A 281 -25.15 13.06 -1.69
N ARG A 282 -24.11 13.76 -2.10
CA ARG A 282 -23.50 14.77 -1.25
CA ARG A 282 -23.50 14.77 -1.25
C ARG A 282 -24.54 15.85 -0.85
N LEU A 283 -25.26 16.39 -1.85
CA LEU A 283 -26.19 17.47 -1.59
C LEU A 283 -27.30 17.00 -0.64
N ALA A 284 -27.73 15.76 -0.81
CA ALA A 284 -28.69 15.12 0.06
C ALA A 284 -28.19 15.11 1.50
N GLU A 285 -27.04 14.49 1.73
CA GLU A 285 -26.43 14.40 3.08
C GLU A 285 -26.24 15.77 3.71
N LEU A 286 -25.83 16.75 2.91
CA LEU A 286 -25.57 18.08 3.45
C LEU A 286 -26.86 18.78 3.91
N ALA A 287 -27.92 18.61 3.14
CA ALA A 287 -29.23 19.19 3.42
C ALA A 287 -29.85 18.55 4.67
N LYS A 288 -29.82 17.21 4.77
CA LYS A 288 -30.30 16.50 5.97
C LYS A 288 -29.48 16.91 7.19
N ALA A 289 -28.18 17.12 6.97
CA ALA A 289 -27.27 17.58 8.03
C ALA A 289 -27.72 18.90 8.62
N SER A 290 -28.14 19.84 7.77
CA SER A 290 -28.65 21.15 8.23
C SER A 290 -30.18 21.21 8.23
#